data_5IRA
#
_entry.id   5IRA
#
_cell.length_a   57.496
_cell.length_b   57.496
_cell.length_c   183.415
_cell.angle_alpha   90.00
_cell.angle_beta   90.00
_cell.angle_gamma   90.00
#
_symmetry.space_group_name_H-M   'I 41 2 2'
#
loop_
_entity.id
_entity.type
_entity.pdbx_description
1 polymer 'Artificial Metathesase'
2 non-polymer [1-[4-[[5-[(3~{a}~{S},4~{S},6~{a}~{R})-2-oxidanylidene-1,3,3~{a},4,6,6~{a}-hexahydrothieno[3,4-d]imidazol-4-yl]pentanoylamino]methyl]-2,6-dimethyl-phenyl]-3-(2,4,6-trimethylphenyl)-4,5-dihydroimidazol-1-ium-2-yl]-bis(chloranyl)ruthenium
3 water water
#
_entity_poly.entity_id   1
_entity_poly.type   'polypeptide(L)'
_entity_poly.pdbx_seq_one_letter_code
;MASMTGGQQMGRDEAGITGTWYNQLGSTFIVTAGADGALTGTYESAVGNAESRYVLTGRYDSAPATDGSGTALGWTVAWK
NNYRNAHSATTWSGQYVGGAEARINTQWLLTSGTTEANAWKSTLVGHDTFTKVKPSAASIDAAKKAGVNNGNPLDAVQQ
;
_entity_poly.pdbx_strand_id   A
#
loop_
_chem_comp.id
_chem_comp.type
_chem_comp.name
_chem_comp.formula
9RU non-polymer [1-[4-[[5-[(3~{a}~{S},4~{S},6~{a}~{R})-2-oxidanylidene-1,3,3~{a},4,6,6~{a}-hexahydrothieno[3,4-d]imidazol-4-yl]pentanoylamino]methyl]-2,6-dimethyl-phenyl]-3-(2,4,6-trimethylphenyl)-4,5-dihydroimidazol-1-ium-2-yl]-bis(chloranyl)ruthenium 'C31 H41 Cl2 N5 O2 Ru S 1'
#
# COMPACT_ATOMS: atom_id res chain seq x y z
N ASP A 13 11.89 -12.97 1.80
CA ASP A 13 10.92 -11.93 2.22
C ASP A 13 9.46 -12.20 1.99
N GLU A 14 9.11 -13.35 1.44
CA GLU A 14 7.73 -13.78 1.51
C GLU A 14 7.28 -13.81 3.02
N ALA A 15 8.14 -14.38 3.85
CA ALA A 15 7.86 -14.46 5.25
C ALA A 15 7.81 -13.10 5.92
N GLY A 16 8.72 -12.24 5.53
CA GLY A 16 8.78 -11.00 6.21
C GLY A 16 7.63 -10.09 5.88
N ILE A 17 7.22 -10.11 4.62
CA ILE A 17 6.16 -9.19 4.16
C ILE A 17 4.79 -9.66 4.55
N THR A 18 4.51 -10.97 4.53
CA THR A 18 3.17 -11.47 4.83
C THR A 18 2.78 -11.15 6.24
N GLY A 19 1.55 -10.63 6.36
CA GLY A 19 1.08 -10.23 7.70
C GLY A 19 0.30 -8.95 7.72
N THR A 20 0.16 -8.43 8.91
CA THR A 20 -0.61 -7.23 9.17
C THR A 20 0.35 -6.14 9.50
N TRP A 21 0.13 -5.00 8.84
CA TRP A 21 0.91 -3.80 8.98
C TRP A 21 0.07 -2.62 9.31
N TYR A 22 0.66 -1.63 10.00
CA TYR A 22 -0.06 -0.52 10.45
C TYR A 22 0.76 0.76 10.09
N ASN A 23 0.11 1.81 9.60
CA ASN A 23 0.84 3.03 9.31
C ASN A 23 0.64 4.11 10.38
N GLN A 24 1.26 5.25 10.13
CA GLN A 24 1.25 6.38 11.04
C GLN A 24 -0.11 7.03 11.23
N LEU A 25 -1.00 6.77 10.30
CA LEU A 25 -2.35 7.27 10.38
C LEU A 25 -3.27 6.33 11.16
N GLY A 26 -2.80 5.13 11.45
CA GLY A 26 -3.61 4.10 12.07
C GLY A 26 -4.37 3.22 11.07
N SER A 27 -4.02 3.29 9.77
CA SER A 27 -4.53 2.40 8.81
C SER A 27 -3.92 0.99 8.92
N THR A 28 -4.67 0.00 8.46
CA THR A 28 -4.23 -1.42 8.54
C THR A 28 -4.18 -2.02 7.17
N PHE A 29 -3.05 -2.64 6.90
CA PHE A 29 -2.72 -3.26 5.58
C PHE A 29 -2.46 -4.74 5.95
N ILE A 30 -3.27 -5.66 5.42
CA ILE A 30 -3.16 -7.09 5.59
C ILE A 30 -2.80 -7.67 4.24
N VAL A 31 -1.61 -8.31 4.17
CA VAL A 31 -1.06 -8.73 2.91
C VAL A 31 -0.55 -10.16 2.99
N THR A 32 -0.65 -10.86 1.87
CA THR A 32 0.02 -12.10 1.64
C THR A 32 0.97 -11.92 0.48
N ALA A 33 2.24 -12.31 0.69
CA ALA A 33 3.23 -12.24 -0.36
C ALA A 33 3.40 -13.65 -0.91
N GLY A 34 3.07 -13.85 -2.19
CA GLY A 34 3.26 -15.13 -2.88
C GLY A 34 4.65 -15.40 -3.38
N ALA A 35 4.91 -16.70 -3.61
CA ALA A 35 6.27 -17.12 -4.07
C ALA A 35 6.88 -16.41 -5.26
N ASP A 36 5.99 -16.09 -6.19
CA ASP A 36 6.20 -15.65 -7.56
C ASP A 36 6.13 -14.09 -7.61
N GLY A 37 6.00 -13.38 -6.50
CA GLY A 37 6.03 -11.93 -6.52
C GLY A 37 4.68 -11.27 -6.29
N ALA A 38 3.65 -12.03 -6.09
CA ALA A 38 2.32 -11.36 -5.89
C ALA A 38 2.11 -10.90 -4.49
N LEU A 39 1.36 -9.80 -4.40
CA LEU A 39 0.81 -9.25 -3.17
C LEU A 39 -0.69 -9.23 -3.31
N THR A 40 -1.32 -9.78 -2.29
CA THR A 40 -2.81 -9.74 -2.24
C THR A 40 -3.20 -9.47 -0.82
N GLY A 41 -4.38 -8.77 -0.66
CA GLY A 41 -4.82 -8.56 0.69
C GLY A 41 -5.99 -7.57 0.78
N THR A 42 -5.97 -6.88 1.91
CA THR A 42 -6.99 -5.86 2.18
C THR A 42 -6.35 -4.68 2.85
N TYR A 43 -6.99 -3.52 2.68
CA TYR A 43 -6.55 -2.28 3.26
C TYR A 43 -7.72 -1.62 3.91
N GLU A 44 -7.51 -1.07 5.11
CA GLU A 44 -8.53 -0.32 5.82
C GLU A 44 -7.83 1.00 6.24
N SER A 45 -8.35 2.11 5.65
CA SER A 45 -7.89 3.44 5.92
C SER A 45 -8.50 4.00 7.17
N ALA A 46 -7.68 4.62 8.03
CA ALA A 46 -8.20 5.38 9.22
C ALA A 46 -8.70 6.77 8.87
N VAL A 47 -8.41 7.16 7.61
CA VAL A 47 -8.78 8.50 7.14
C VAL A 47 -9.40 8.52 5.77
N GLY A 48 -10.08 9.65 5.46
CA GLY A 48 -10.61 9.80 4.11
C GLY A 48 -11.97 9.14 3.92
N ASN A 49 -12.41 9.10 2.68
CA ASN A 49 -13.75 8.63 2.33
C ASN A 49 -13.63 7.11 2.13
N ALA A 50 -13.58 6.44 3.27
CA ALA A 50 -13.28 5.04 3.36
C ALA A 50 -13.94 4.48 4.57
N GLU A 51 -14.49 3.31 4.34
CA GLU A 51 -15.04 2.50 5.41
C GLU A 51 -14.79 1.03 5.17
N SER A 52 -14.34 0.39 6.23
CA SER A 52 -14.10 -1.02 6.22
C SER A 52 -12.94 -1.39 5.26
N ARG A 53 -12.94 -2.58 4.76
CA ARG A 53 -11.73 -3.13 4.02
C ARG A 53 -11.96 -3.01 2.53
N TYR A 54 -10.88 -2.78 1.80
CA TYR A 54 -10.84 -2.69 0.37
C TYR A 54 -9.81 -3.66 -0.14
N VAL A 55 -10.08 -4.23 -1.33
CA VAL A 55 -9.14 -5.13 -1.93
C VAL A 55 -7.89 -4.39 -2.29
N LEU A 56 -6.77 -5.08 -2.13
CA LEU A 56 -5.50 -4.62 -2.72
C LEU A 56 -4.81 -5.74 -3.47
N THR A 57 -4.04 -5.30 -4.48
CA THR A 57 -3.16 -6.20 -5.12
C THR A 57 -1.89 -5.49 -5.47
N GLY A 58 -0.77 -6.20 -5.58
CA GLY A 58 0.46 -5.60 -5.94
C GLY A 58 1.53 -6.63 -6.28
N ARG A 59 2.75 -6.18 -6.24
CA ARG A 59 3.88 -6.99 -6.63
C ARG A 59 5.06 -6.61 -5.73
N TYR A 60 6.04 -7.58 -5.58
CA TYR A 60 7.26 -7.30 -4.86
C TYR A 60 8.37 -8.08 -5.63
N ASP A 61 9.57 -7.57 -5.42
CA ASP A 61 10.89 -8.26 -5.80
CA ASP A 61 10.74 -8.20 -6.00
C ASP A 61 11.06 -9.51 -5.01
N SER A 62 10.81 -10.68 -5.52
CA SER A 62 10.91 -11.94 -4.75
C SER A 62 12.30 -12.47 -4.66
N ALA A 63 13.26 -11.83 -5.28
CA ALA A 63 14.67 -12.25 -5.13
C ALA A 63 15.41 -10.92 -5.01
N PRO A 64 15.26 -10.24 -3.93
CA PRO A 64 16.10 -9.10 -3.66
C PRO A 64 17.60 -9.32 -3.51
N ALA A 65 18.28 -8.19 -3.54
CA ALA A 65 19.76 -8.18 -3.45
C ALA A 65 20.09 -8.57 -2.02
N THR A 66 21.28 -9.11 -1.74
CA THR A 66 21.52 -9.62 -0.36
C THR A 66 22.56 -8.84 0.36
N ASP A 67 22.46 -7.54 0.24
CA ASP A 67 23.57 -6.66 0.59
C ASP A 67 23.18 -5.61 1.67
N GLY A 68 22.13 -5.87 2.45
CA GLY A 68 21.51 -4.86 3.30
C GLY A 68 20.45 -3.98 2.53
N SER A 69 20.21 -4.24 1.28
CA SER A 69 19.19 -3.47 0.57
C SER A 69 17.78 -3.94 0.96
N GLY A 70 16.87 -2.98 0.91
CA GLY A 70 15.42 -3.19 0.98
C GLY A 70 14.92 -3.98 -0.18
N THR A 71 13.67 -4.40 -0.07
CA THR A 71 12.96 -5.19 -1.09
C THR A 71 11.91 -4.28 -1.72
N ALA A 72 12.01 -3.96 -2.99
CA ALA A 72 11.05 -3.12 -3.63
C ALA A 72 9.69 -3.77 -3.83
N LEU A 73 8.65 -2.96 -3.66
CA LEU A 73 7.29 -3.46 -3.81
C LEU A 73 6.29 -2.29 -4.07
N GLY A 74 5.11 -2.68 -4.44
CA GLY A 74 4.08 -1.72 -4.62
C GLY A 74 2.76 -2.38 -4.61
N TRP A 75 1.71 -1.61 -4.33
CA TRP A 75 0.36 -2.11 -4.43
C TRP A 75 -0.66 -0.98 -4.64
N THR A 76 -1.87 -1.40 -5.10
CA THR A 76 -2.94 -0.54 -5.38
C THR A 76 -4.14 -0.92 -4.59
N VAL A 77 -4.88 0.14 -4.16
CA VAL A 77 -6.29 0.08 -3.72
C VAL A 77 -7.16 0.97 -4.56
N ALA A 78 -8.23 0.42 -5.14
CA ALA A 78 -9.31 1.26 -5.64
C ALA A 78 -10.31 1.39 -4.52
N TRP A 79 -10.75 2.63 -4.30
CA TRP A 79 -11.59 2.91 -3.12
C TRP A 79 -13.05 2.70 -3.31
N LYS A 80 -13.36 1.50 -3.79
CA LYS A 80 -14.71 1.01 -3.97
C LYS A 80 -14.83 -0.29 -3.26
N ASN A 81 -15.85 -0.41 -2.42
CA ASN A 81 -16.18 -1.68 -1.78
C ASN A 81 -17.74 -1.64 -1.64
N ASN A 82 -18.24 -2.58 -0.86
CA ASN A 82 -19.72 -2.67 -0.77
C ASN A 82 -20.31 -1.49 -0.04
N TYR A 83 -19.53 -0.72 0.67
CA TYR A 83 -20.04 0.35 1.51
C TYR A 83 -19.94 1.72 0.85
N ARG A 84 -18.88 1.97 0.09
CA ARG A 84 -18.66 3.28 -0.41
C ARG A 84 -17.91 3.20 -1.77
N ASN A 85 -17.98 4.24 -2.56
CA ASN A 85 -17.24 4.37 -3.78
C ASN A 85 -16.73 5.80 -3.86
N ALA A 86 -15.41 5.96 -3.57
CA ALA A 86 -14.77 7.21 -3.55
C ALA A 86 -14.12 7.65 -4.89
N HIS A 87 -14.41 6.93 -5.94
CA HIS A 87 -13.95 7.27 -7.26
C HIS A 87 -12.50 7.69 -7.25
N SER A 88 -11.71 6.77 -6.75
CA SER A 88 -10.31 7.10 -6.57
C SER A 88 -9.51 5.84 -6.37
N ALA A 89 -8.19 5.95 -6.54
CA ALA A 89 -7.32 4.80 -6.34
C ALA A 89 -5.98 5.32 -5.80
N THR A 90 -5.42 4.61 -4.87
CA THR A 90 -4.06 4.91 -4.37
C THR A 90 -3.11 3.82 -4.74
N THR A 91 -1.92 4.21 -5.15
CA THR A 91 -0.81 3.29 -5.27
C THR A 91 0.30 3.67 -4.32
N TRP A 92 0.84 2.65 -3.62
CA TRP A 92 1.97 2.81 -2.77
C TRP A 92 3.15 2.11 -3.42
N SER A 93 4.26 2.84 -3.43
CA SER A 93 5.54 2.35 -4.01
C SER A 93 6.58 2.47 -2.88
N GLY A 94 7.32 1.39 -2.63
CA GLY A 94 8.26 1.47 -1.54
C GLY A 94 9.18 0.29 -1.41
N GLN A 95 9.68 0.17 -0.18
CA GLN A 95 10.57 -0.93 0.10
C GLN A 95 10.32 -1.48 1.48
N TYR A 96 10.39 -2.79 1.53
CA TYR A 96 10.40 -3.54 2.79
C TYR A 96 11.80 -3.66 3.31
N VAL A 97 11.97 -3.38 4.62
CA VAL A 97 13.25 -3.45 5.31
C VAL A 97 12.99 -4.37 6.47
N GLY A 98 13.75 -5.44 6.51
CA GLY A 98 13.46 -6.50 7.54
C GLY A 98 14.13 -6.16 8.82
N GLY A 99 14.02 -7.11 9.78
CA GLY A 99 14.87 -7.06 11.03
C GLY A 99 13.94 -6.86 12.19
N ALA A 100 14.48 -6.56 13.36
CA ALA A 100 13.65 -6.55 14.55
C ALA A 100 12.63 -5.44 14.53
N GLU A 101 13.02 -4.37 13.82
CA GLU A 101 12.14 -3.24 13.63
C GLU A 101 11.80 -3.17 12.12
N ALA A 102 11.11 -4.21 11.64
CA ALA A 102 10.81 -4.23 10.21
C ALA A 102 9.89 -3.10 9.86
N ARG A 103 10.01 -2.66 8.62
CA ARG A 103 9.25 -1.52 8.15
C ARG A 103 8.96 -1.66 6.69
N ILE A 104 7.86 -1.09 6.27
CA ILE A 104 7.62 -0.85 4.81
C ILE A 104 7.52 0.65 4.64
N ASN A 105 8.50 1.25 3.98
CA ASN A 105 8.57 2.75 3.74
C ASN A 105 8.11 3.02 2.35
N THR A 106 7.04 3.84 2.25
CA THR A 106 6.40 4.07 1.01
C THR A 106 6.18 5.54 0.71
N GLN A 107 6.03 5.80 -0.58
CA GLN A 107 5.40 7.01 -1.07
C GLN A 107 4.19 6.59 -1.89
N TRP A 108 3.17 7.44 -1.91
CA TRP A 108 1.91 7.07 -2.54
C TRP A 108 1.36 8.17 -3.42
N LEU A 109 0.53 7.73 -4.37
CA LEU A 109 -0.16 8.64 -5.26
C LEU A 109 -1.66 8.25 -5.21
N LEU A 110 -2.53 9.19 -4.87
CA LEU A 110 -3.97 8.98 -4.82
CA LEU A 110 -3.96 9.01 -4.80
C LEU A 110 -4.58 9.81 -5.95
N THR A 111 -5.08 9.14 -7.00
CA THR A 111 -5.73 9.79 -8.12
C THR A 111 -7.24 9.66 -7.94
N SER A 112 -7.97 10.77 -8.13
CA SER A 112 -9.41 10.77 -8.22
C SER A 112 -9.82 10.88 -9.62
N GLY A 113 -10.92 10.22 -10.00
CA GLY A 113 -11.51 10.57 -11.28
C GLY A 113 -11.99 11.99 -11.34
N THR A 114 -11.67 12.66 -12.40
CA THR A 114 -12.03 14.09 -12.55
C THR A 114 -12.50 14.32 -13.99
N THR A 115 -13.16 15.47 -14.14
CA THR A 115 -13.31 15.99 -15.50
C THR A 115 -11.95 16.37 -16.07
N GLU A 116 -11.89 16.58 -17.39
CA GLU A 116 -10.64 16.96 -18.06
C GLU A 116 -10.22 18.29 -17.48
N ALA A 117 -11.17 19.20 -17.30
CA ALA A 117 -10.82 20.54 -16.79
C ALA A 117 -10.23 20.53 -15.43
N ASN A 118 -10.60 19.56 -14.64
CA ASN A 118 -10.02 19.43 -13.32
C ASN A 118 -8.87 18.38 -13.14
N ALA A 119 -8.37 17.87 -14.21
CA ALA A 119 -7.31 16.85 -14.13
C ALA A 119 -6.02 17.34 -13.51
N TRP A 120 -5.77 18.63 -13.55
CA TRP A 120 -4.62 19.19 -12.88
C TRP A 120 -4.60 18.97 -11.40
N LYS A 121 -5.80 18.86 -10.78
CA LYS A 121 -5.99 18.67 -9.38
C LYS A 121 -6.46 17.26 -9.00
N SER A 122 -6.11 16.29 -9.87
CA SER A 122 -6.53 14.92 -9.68
C SER A 122 -5.74 14.13 -8.61
N THR A 123 -4.47 14.47 -8.40
CA THR A 123 -3.59 13.52 -7.78
C THR A 123 -2.89 14.10 -6.50
N LEU A 124 -3.11 13.42 -5.38
CA LEU A 124 -2.42 13.71 -4.10
CA LEU A 124 -2.47 13.70 -4.11
C LEU A 124 -1.18 12.84 -4.05
N VAL A 125 -0.16 13.34 -3.33
CA VAL A 125 1.05 12.56 -3.09
C VAL A 125 1.29 12.66 -1.55
N GLY A 126 1.80 11.53 -1.04
CA GLY A 126 2.22 11.48 0.34
C GLY A 126 3.12 10.33 0.62
N HIS A 127 3.34 10.06 1.94
CA HIS A 127 4.27 9.04 2.32
C HIS A 127 3.75 8.38 3.57
N ASP A 128 3.74 7.06 3.56
CA ASP A 128 3.34 6.23 4.71
C ASP A 128 4.43 5.27 5.07
N THR A 129 4.62 5.11 6.40
CA THR A 129 5.54 4.18 6.97
C THR A 129 4.74 3.14 7.74
N PHE A 130 4.93 1.89 7.39
CA PHE A 130 4.20 0.73 7.98
C PHE A 130 5.10 -0.01 8.87
N THR A 131 4.59 -0.40 10.04
CA THR A 131 5.29 -1.25 10.98
C THR A 131 4.39 -2.42 11.34
N LYS A 132 5.02 -3.39 12.03
CA LYS A 132 4.25 -4.60 12.47
C LYS A 132 3.59 -4.43 13.78
N VAL A 133 3.91 -3.35 14.49
CA VAL A 133 3.19 -2.91 15.74
C VAL A 133 2.46 -1.53 15.51
N LYS A 134 1.26 -1.43 16.11
CA LYS A 134 0.54 -0.19 16.61
C LYS A 134 -0.72 0.11 15.78
O1 9RU B . -3.66 4.93 5.00
C1 9RU B . -3.76 5.91 4.23
N2 9RU B . -2.76 6.41 3.54
C2 9RU B . -3.16 7.58 2.78
C3 9RU B . -3.07 7.37 1.28
S1 9RU B . -4.61 6.50 0.82
N1 9RU B . -4.88 6.62 4.07
C4 9RU B . -4.70 7.75 3.15
C5 9RU B . -5.55 7.64 1.84
C6 9RU B . -6.99 7.31 2.13
C7 9RU B . -7.86 7.49 0.88
C8 9RU B . -9.32 7.08 1.09
C9 9RU B . -10.23 7.33 -0.17
C10 9RU B . -10.40 8.80 -0.38
O2 9RU B . -10.53 9.61 0.61
N3 9RU B . -10.38 9.23 -1.66
N3 9RU B . -10.66 9.15 -1.66
C11 9RU B . -10.38 10.69 -2.03
C11 9RU B . -11.60 10.30 -1.96
C12 9RU B . -11.66 11.31 -2.67
C12 9RU B . -10.82 11.55 -2.26
C13 9RU B . -11.57 12.38 -3.59
C13 9RU B . -9.69 11.94 -1.51
C14 9RU B . -12.64 13.03 -4.24
C14 9RU B . -9.13 13.19 -1.82
C15 9RU B . -12.38 14.18 -5.20
C15 9RU B . -7.95 13.55 -0.98
C16 9RU B . -13.94 12.58 -4.01
C16 9RU B . -9.46 13.95 -2.94
C17 9RU B . -13.98 11.57 -3.03
C17 9RU B . -10.56 13.55 -3.70
C18 9RU B . -15.17 10.91 -2.70
C18 9RU B . -11.11 14.32 -4.91
C19 9RU B . -12.92 10.91 -2.39
C19 9RU B . -11.23 12.36 -3.33
N4 9RU B . -14.98 13.30 -4.71
N4 9RU B . -8.86 15.16 -3.43
C20 9RU B . -15.57 14.48 -4.28
C20 9RU B . -9.08 16.53 -3.05
RU1 9RU B . -15.20 15.32 -2.82
RU1 9RU B . -10.29 17.02 -1.74
N5 9RU B . -16.56 14.95 -5.18
N5 9RU B . -8.20 17.36 -3.87
C21 9RU B . -16.66 14.05 -6.30
C21 9RU B . -7.44 16.48 -4.77
C22 9RU B . -15.61 12.96 -5.99
C22 9RU B . -7.84 15.07 -4.51
C23 9RU B . -17.16 16.22 -4.75
C23 9RU B . -8.39 18.89 -3.87
C24 9RU B . -18.52 16.20 -4.51
C24 9RU B . -7.40 19.64 -3.28
C25 9RU B . -19.23 14.85 -4.60
C25 9RU B . -6.27 18.82 -2.67
C26 9RU B . -19.21 17.38 -4.19
C26 9RU B . -7.53 21.11 -3.27
C27 9RU B . -18.53 18.61 -4.12
C27 9RU B . -8.67 21.81 -3.88
C28 9RU B . -19.33 19.86 -3.77
C28 9RU B . -8.93 23.30 -3.95
C29 9RU B . -17.15 18.63 -4.36
C29 9RU B . -9.65 21.00 -4.48
C30 9RU B . -16.47 17.45 -4.67
C30 9RU B . -9.49 19.60 -4.46
C31 9RU B . -14.97 17.42 -4.95
C31 9RU B . -10.58 18.90 -5.11
CL1 9RU B . -8.48 16.51 -0.57
CL2 9RU B . -11.85 17.70 -3.19
#